data_3EMR
#
_entry.id   3EMR
#
_cell.length_a   102.790
_cell.length_b   102.790
_cell.length_c   159.070
_cell.angle_alpha   90.00
_cell.angle_beta   90.00
_cell.angle_gamma   120.00
#
_symmetry.space_group_name_H-M   'P 65 2 2'
#
loop_
_entity.id
_entity.type
_entity.pdbx_description
1 polymer EctD
2 non-polymer 'FE (III) ION'
3 non-polymer 'SULFATE ION'
4 non-polymer GLYCEROL
5 water water
#
_entity_poly.entity_id   1
_entity_poly.type   'polypeptide(L)'
_entity_poly.pdbx_seq_one_letter_code
;(MSE)EDLYPSRQNNQPKILKRKDPVIYTDRSKDNQAPITKEQLDSYEKNGFLQIKNFFSEDEVID(MSE)QKAIFELQD
SIKDVASDKVIREPESNDIRSIFHVHQDDNYFQDVANDKRILDIVRHLLGSDVYVHQSRINYKPGFKGKEFDWHSDFETW
HVEDG(MSE)PR(MSE)RAISVSIALSDNYSFNGPL(MSE)LIPGSHNYFVSCVGETPDNNYKESLKKQKLGVPDEESLR
ELTRIGGGISVPTGKAGSVTLFESNT(MSE)HGSTSNITPYPRNNLF(MSE)VYNSVKNRLVEPFSGGEKRPEYIAVREK
QPVYSAVNSAWSHPQFEK
;
_entity_poly.pdbx_strand_id   A
#
loop_
_chem_comp.id
_chem_comp.type
_chem_comp.name
_chem_comp.formula
FE non-polymer 'FE (III) ION' 'Fe 3'
GOL non-polymer GLYCEROL 'C3 H8 O3'
SO4 non-polymer 'SULFATE ION' 'O4 S -2'
#
# COMPACT_ATOMS: atom_id res chain seq x y z
N MSE A 1 10.93 2.34 -23.24
CA MSE A 1 9.94 2.17 -22.18
C MSE A 1 8.60 2.48 -22.81
O MSE A 1 8.10 3.60 -22.83
CB MSE A 1 10.24 3.02 -20.95
CG MSE A 1 9.51 2.62 -19.69
SE MSE A 1 9.71 0.81 -19.06
CE MSE A 1 7.97 0.10 -19.56
N GLU A 2 8.05 1.45 -23.48
CA GLU A 2 6.70 1.55 -24.01
C GLU A 2 5.71 1.64 -22.84
N ASP A 3 4.70 2.49 -22.97
CA ASP A 3 3.69 2.62 -21.92
C ASP A 3 2.60 1.58 -22.06
N LEU A 4 2.68 0.51 -21.27
CA LEU A 4 1.67 -0.53 -21.41
C LEU A 4 0.35 -0.14 -20.77
N TYR A 5 0.34 1.01 -20.09
CA TYR A 5 -0.82 1.38 -19.29
C TYR A 5 -1.04 2.88 -19.32
N PRO A 6 -1.40 3.40 -20.48
CA PRO A 6 -1.61 4.84 -20.64
C PRO A 6 -2.82 5.31 -19.83
N SER A 7 -2.72 6.51 -19.27
CA SER A 7 -3.72 7.10 -18.40
C SER A 7 -3.57 8.60 -18.34
N ARG A 8 -4.65 9.31 -18.04
CA ARG A 8 -4.66 10.76 -18.03
C ARG A 8 -4.26 11.35 -19.38
N GLN A 9 -4.32 10.58 -20.45
CA GLN A 9 -3.95 11.05 -21.78
C GLN A 9 -5.20 11.39 -22.60
N ASN A 10 -6.16 10.48 -22.55
CA ASN A 10 -7.44 10.56 -23.24
C ASN A 10 -8.48 11.19 -22.31
N ASN A 11 -9.43 11.92 -22.90
CA ASN A 11 -10.49 12.55 -22.11
C ASN A 11 -11.61 11.55 -21.80
N GLN A 12 -11.40 10.29 -22.17
CA GLN A 12 -12.41 9.27 -21.94
C GLN A 12 -11.82 8.07 -21.21
N PRO A 13 -12.42 7.70 -20.08
CA PRO A 13 -11.89 6.58 -19.30
C PRO A 13 -12.02 5.26 -20.06
N LYS A 14 -11.15 4.31 -19.73
CA LYS A 14 -11.27 2.99 -20.34
C LYS A 14 -10.72 1.95 -19.40
N ILE A 15 -11.34 0.78 -19.41
CA ILE A 15 -10.92 -0.37 -18.64
C ILE A 15 -10.20 -1.36 -19.54
N LEU A 16 -8.93 -1.62 -19.24
CA LEU A 16 -8.09 -2.55 -19.99
C LEU A 16 -7.69 -3.71 -19.11
N LYS A 17 -7.52 -4.89 -19.70
CA LYS A 17 -7.18 -5.99 -18.79
C LYS A 17 -5.72 -5.83 -18.38
N ARG A 18 -5.46 -6.50 -17.26
CA ARG A 18 -4.13 -6.64 -16.72
C ARG A 18 -3.16 -7.32 -17.69
N LYS A 19 -1.98 -6.77 -17.92
CA LYS A 19 -0.98 -7.39 -18.79
C LYS A 19 0.14 -8.11 -18.06
N ASP A 20 0.02 -8.26 -16.75
CA ASP A 20 1.03 -8.77 -15.85
C ASP A 20 0.50 -9.92 -15.03
N PRO A 21 1.36 -10.87 -14.64
CA PRO A 21 0.96 -11.86 -13.65
C PRO A 21 0.53 -11.19 -12.34
N VAL A 22 -0.19 -11.95 -11.54
CA VAL A 22 -0.58 -11.52 -10.20
C VAL A 22 0.38 -12.18 -9.21
N ILE A 23 0.50 -13.49 -9.32
CA ILE A 23 1.49 -14.26 -8.55
C ILE A 23 2.58 -14.67 -9.53
N TYR A 24 3.80 -14.18 -9.30
CA TYR A 24 4.88 -14.29 -10.28
C TYR A 24 5.65 -15.61 -10.17
N THR A 25 5.63 -16.24 -8.99
CA THR A 25 6.22 -17.55 -8.79
C THR A 25 5.28 -18.62 -9.33
N ASP A 26 5.80 -19.70 -9.93
CA ASP A 26 4.90 -20.69 -10.50
C ASP A 26 4.06 -21.32 -9.39
N ARG A 27 2.78 -21.55 -9.67
CA ARG A 27 1.92 -22.11 -8.62
C ARG A 27 2.32 -23.55 -8.34
N SER A 28 3.13 -24.16 -9.20
CA SER A 28 3.62 -25.51 -8.92
C SER A 28 4.66 -25.48 -7.82
N LYS A 29 5.10 -24.26 -7.50
CA LYS A 29 6.04 -24.01 -6.43
C LYS A 29 5.38 -23.49 -5.16
N ASP A 30 4.07 -23.74 -5.00
CA ASP A 30 3.36 -23.24 -3.83
C ASP A 30 4.01 -23.72 -2.53
N ASN A 31 4.48 -24.95 -2.58
CA ASN A 31 5.18 -25.61 -1.49
C ASN A 31 6.29 -24.76 -0.89
N GLN A 32 6.89 -23.91 -1.71
CA GLN A 32 7.98 -23.02 -1.36
C GLN A 32 7.54 -21.73 -0.67
N ALA A 33 6.24 -21.44 -0.67
CA ALA A 33 5.72 -20.20 -0.11
C ALA A 33 5.50 -20.30 1.40
N PRO A 34 5.52 -19.16 2.09
CA PRO A 34 5.30 -19.17 3.53
C PRO A 34 3.82 -19.10 3.90
N ILE A 35 2.97 -19.12 2.87
CA ILE A 35 1.53 -19.09 3.11
C ILE A 35 0.89 -20.24 2.37
N THR A 36 -0.32 -20.63 2.74
CA THR A 36 -0.93 -21.82 2.17
C THR A 36 -1.45 -21.62 0.76
N LYS A 37 -1.84 -22.76 0.18
CA LYS A 37 -2.42 -22.70 -1.15
C LYS A 37 -3.70 -21.87 -1.10
N GLU A 38 -4.45 -22.01 -0.02
CA GLU A 38 -5.71 -21.26 0.06
C GLU A 38 -5.46 -19.76 0.12
N GLN A 39 -4.41 -19.36 0.82
CA GLN A 39 -4.06 -17.94 0.97
C GLN A 39 -3.63 -17.39 -0.38
N LEU A 40 -2.82 -18.22 -1.03
CA LEU A 40 -2.31 -17.85 -2.34
C LEU A 40 -3.42 -17.72 -3.36
N ASP A 41 -4.34 -18.68 -3.29
CA ASP A 41 -5.46 -18.59 -4.22
C ASP A 41 -6.30 -17.35 -3.92
N SER A 42 -6.46 -17.05 -2.64
CA SER A 42 -7.31 -15.92 -2.27
C SER A 42 -6.69 -14.59 -2.66
N TYR A 43 -5.39 -14.42 -2.49
CA TYR A 43 -4.68 -13.24 -3.01
C TYR A 43 -4.87 -13.08 -4.49
N GLU A 44 -4.71 -14.20 -5.23
CA GLU A 44 -4.77 -14.15 -6.68
C GLU A 44 -6.15 -13.76 -7.15
N LYS A 45 -7.15 -14.31 -6.49
CA LYS A 45 -8.53 -14.00 -6.88
C LYS A 45 -8.98 -12.62 -6.48
N ASN A 46 -8.67 -12.23 -5.24
CA ASN A 46 -9.17 -10.98 -4.68
C ASN A 46 -8.30 -9.76 -4.87
N GLY A 47 -6.99 -9.93 -5.02
CA GLY A 47 -6.08 -8.80 -5.21
C GLY A 47 -5.60 -8.24 -3.87
N PHE A 48 -5.88 -8.95 -2.78
CA PHE A 48 -5.46 -8.68 -1.42
C PHE A 48 -5.55 -9.95 -0.58
N LEU A 49 -4.88 -9.89 0.58
CA LEU A 49 -4.86 -10.94 1.58
C LEU A 49 -4.74 -10.30 2.96
N GLN A 50 -5.68 -10.58 3.83
CA GLN A 50 -5.57 -10.22 5.23
C GLN A 50 -5.01 -11.38 6.06
N ILE A 51 -4.07 -11.05 6.93
CA ILE A 51 -3.50 -12.00 7.86
C ILE A 51 -3.63 -11.40 9.27
N LYS A 52 -4.58 -11.98 10.00
CA LYS A 52 -4.72 -11.60 11.41
C LYS A 52 -3.65 -12.31 12.23
N ASN A 53 -3.27 -11.80 13.39
CA ASN A 53 -2.29 -12.53 14.20
C ASN A 53 -0.95 -12.66 13.49
N PHE A 54 -0.64 -11.73 12.62
CA PHE A 54 0.67 -11.81 11.95
C PHE A 54 1.81 -11.62 12.93
N PHE A 55 1.62 -10.66 13.82
CA PHE A 55 2.58 -10.29 14.84
C PHE A 55 2.10 -10.79 16.21
N SER A 56 3.02 -11.13 17.09
CA SER A 56 2.64 -11.49 18.46
C SER A 56 2.24 -10.24 19.25
N GLU A 57 1.61 -10.43 20.40
CA GLU A 57 1.06 -9.32 21.18
C GLU A 57 2.14 -8.34 21.66
N ASP A 58 3.31 -8.84 22.01
CA ASP A 58 4.39 -7.95 22.44
C ASP A 58 4.89 -7.09 21.28
N GLU A 59 4.94 -7.72 20.10
CA GLU A 59 5.35 -6.97 18.90
C GLU A 59 4.37 -5.86 18.57
N VAL A 60 3.08 -6.12 18.71
CA VAL A 60 2.10 -5.06 18.45
C VAL A 60 2.27 -3.91 19.42
N ILE A 61 2.34 -4.24 20.72
CA ILE A 61 2.52 -3.20 21.72
C ILE A 61 3.75 -2.36 21.43
N ASP A 62 4.82 -3.04 21.05
CA ASP A 62 6.10 -2.39 20.78
C ASP A 62 6.00 -1.42 19.61
N MSE A 63 5.32 -1.85 18.56
CA MSE A 63 5.19 -1.00 17.36
C MSE A 63 4.30 0.16 17.74
O MSE A 63 4.48 1.27 17.26
CB MSE A 63 4.60 -1.79 16.19
CB MSE A 63 4.48 -1.80 16.25
CG MSE A 63 5.34 -3.06 15.84
CG MSE A 63 5.44 -2.43 15.27
SE MSE A 63 5.06 -3.62 13.99
SE MSE A 63 4.57 -3.28 13.75
CE MSE A 63 4.65 -1.87 13.26
CE MSE A 63 3.41 -4.51 14.75
N GLN A 64 3.22 -0.06 18.52
CA GLN A 64 2.38 1.08 18.90
C GLN A 64 3.14 2.11 19.72
N LYS A 65 3.94 1.65 20.66
CA LYS A 65 4.78 2.55 21.46
C LYS A 65 5.75 3.32 20.58
N ALA A 66 6.36 2.59 19.65
CA ALA A 66 7.36 3.16 18.73
C ALA A 66 6.81 4.28 17.87
N ILE A 67 5.62 4.10 17.28
CA ILE A 67 5.15 5.20 16.45
C ILE A 67 4.88 6.44 17.30
N PHE A 68 4.45 6.26 18.55
CA PHE A 68 4.21 7.45 19.34
C PHE A 68 5.51 7.98 19.93
N GLU A 69 6.46 7.12 20.25
CA GLU A 69 7.74 7.74 20.64
C GLU A 69 8.40 8.50 19.50
N LEU A 70 8.32 7.97 18.27
CA LEU A 70 8.87 8.73 17.16
C LEU A 70 8.15 10.06 16.96
N GLN A 71 6.82 10.05 17.00
CA GLN A 71 6.06 11.29 16.86
C GLN A 71 6.52 12.35 17.86
N ASP A 72 6.77 11.95 19.09
CA ASP A 72 7.18 12.90 20.12
C ASP A 72 8.61 13.41 19.86
N SER A 73 9.45 12.48 19.42
CA SER A 73 10.87 12.78 19.19
C SER A 73 11.05 13.77 18.05
N ILE A 74 10.08 13.80 17.13
CA ILE A 74 10.21 14.69 15.99
C ILE A 74 9.30 15.91 16.12
N LYS A 75 8.80 16.20 17.32
CA LYS A 75 7.87 17.31 17.49
C LYS A 75 8.40 18.63 16.94
N ASP A 76 9.69 18.91 17.11
CA ASP A 76 10.22 20.19 16.65
C ASP A 76 10.84 20.21 15.27
N VAL A 77 10.76 19.12 14.53
CA VAL A 77 11.40 18.93 13.25
C VAL A 77 10.72 19.65 12.11
N ALA A 78 11.54 20.27 11.27
CA ALA A 78 11.11 20.85 10.02
C ALA A 78 11.57 19.98 8.86
N SER A 79 10.56 19.36 8.24
CA SER A 79 10.83 18.40 7.16
C SER A 79 9.58 18.14 6.33
N ASP A 80 9.80 18.11 5.02
CA ASP A 80 8.75 17.78 4.05
C ASP A 80 8.23 16.35 4.17
N LYS A 81 8.96 15.42 4.75
CA LYS A 81 8.58 14.07 5.10
C LYS A 81 7.60 14.01 6.27
N VAL A 82 7.52 15.09 7.04
CA VAL A 82 6.62 15.14 8.19
C VAL A 82 5.40 16.00 7.84
N ILE A 83 4.27 15.33 7.69
CA ILE A 83 3.03 15.98 7.31
C ILE A 83 2.26 16.42 8.54
N ARG A 84 1.98 17.70 8.67
CA ARG A 84 1.33 18.22 9.86
C ARG A 84 -0.02 18.85 9.55
N GLU A 85 -0.89 18.87 10.55
CA GLU A 85 -2.17 19.55 10.33
C GLU A 85 -1.96 21.05 10.53
N PRO A 86 -2.36 21.84 9.55
CA PRO A 86 -2.31 23.31 9.74
C PRO A 86 -3.33 23.64 10.84
N GLU A 87 -2.94 24.56 11.68
CA GLU A 87 -3.61 25.04 12.88
C GLU A 87 -3.04 24.35 14.12
N SER A 88 -3.23 23.04 14.27
CA SER A 88 -2.70 22.32 15.42
C SER A 88 -1.22 22.01 15.26
N ASN A 89 -0.83 21.84 13.99
CA ASN A 89 0.56 21.43 13.76
C ASN A 89 0.81 20.05 14.33
N ASP A 90 -0.26 19.29 14.48
CA ASP A 90 -0.14 17.90 14.87
C ASP A 90 0.37 17.06 13.70
N ILE A 91 1.24 16.12 14.04
CA ILE A 91 1.81 15.26 12.99
C ILE A 91 0.83 14.18 12.60
N ARG A 92 0.50 14.14 11.32
CA ARG A 92 -0.42 13.15 10.77
C ARG A 92 0.26 12.09 9.93
N SER A 93 1.42 12.35 9.32
CA SER A 93 2.13 11.27 8.64
C SER A 93 3.64 11.52 8.69
N ILE A 94 4.38 10.45 8.63
CA ILE A 94 5.83 10.54 8.54
C ILE A 94 6.26 9.57 7.45
N PHE A 95 6.82 10.08 6.36
CA PHE A 95 7.31 9.27 5.29
C PHE A 95 8.75 8.80 5.50
N HIS A 96 9.08 7.67 4.90
CA HIS A 96 10.45 7.21 4.71
C HIS A 96 11.12 6.68 5.95
N VAL A 97 10.30 6.18 6.87
CA VAL A 97 10.82 5.64 8.13
C VAL A 97 11.63 4.37 7.99
N HIS A 98 11.54 3.64 6.90
CA HIS A 98 12.06 2.35 6.52
C HIS A 98 13.57 2.56 6.32
N GLN A 99 13.89 3.82 6.09
CA GLN A 99 15.29 4.16 5.82
C GLN A 99 15.85 5.08 6.90
N ASP A 100 15.04 5.99 7.42
CA ASP A 100 15.50 7.02 8.33
C ASP A 100 15.52 6.64 9.81
N ASP A 101 14.88 5.54 10.20
CA ASP A 101 14.77 5.11 11.59
CA ASP A 101 14.78 5.12 11.59
C ASP A 101 15.07 3.63 11.72
N ASN A 102 16.00 3.28 12.61
CA ASN A 102 16.43 1.91 12.79
C ASN A 102 15.31 0.95 13.15
N TYR A 103 14.44 1.37 14.07
CA TYR A 103 13.35 0.46 14.43
C TYR A 103 12.51 0.10 13.22
N PHE A 104 12.12 1.16 12.48
CA PHE A 104 11.18 0.88 11.39
C PHE A 104 11.88 0.25 10.21
N GLN A 105 13.21 0.48 10.10
CA GLN A 105 13.92 -0.30 9.08
C GLN A 105 13.84 -1.79 9.34
N ASP A 106 13.95 -2.15 10.63
CA ASP A 106 13.87 -3.56 10.97
C ASP A 106 12.48 -4.13 10.69
N VAL A 107 11.44 -3.33 10.95
CA VAL A 107 10.11 -3.84 10.63
C VAL A 107 9.99 -4.07 9.13
N ALA A 108 10.45 -3.09 8.35
CA ALA A 108 10.35 -3.17 6.90
C ALA A 108 11.09 -4.39 6.36
N ASN A 109 12.15 -4.80 7.06
CA ASN A 109 12.96 -5.94 6.71
C ASN A 109 12.52 -7.22 7.39
N ASP A 110 11.35 -7.19 8.01
CA ASP A 110 10.90 -8.41 8.70
C ASP A 110 10.81 -9.58 7.76
N LYS A 111 11.50 -10.68 8.08
CA LYS A 111 11.52 -11.87 7.27
C LYS A 111 10.13 -12.39 6.97
N ARG A 112 9.19 -12.27 7.90
CA ARG A 112 7.82 -12.73 7.66
C ARG A 112 7.15 -12.01 6.49
N ILE A 113 7.43 -10.72 6.37
CA ILE A 113 6.88 -9.90 5.29
C ILE A 113 7.61 -10.17 3.98
N LEU A 114 8.94 -10.11 4.04
CA LEU A 114 9.78 -10.31 2.86
C LEU A 114 9.57 -11.67 2.22
N ASP A 115 9.41 -12.71 3.02
CA ASP A 115 9.20 -14.06 2.48
C ASP A 115 7.91 -14.12 1.65
N ILE A 116 6.87 -13.39 2.11
CA ILE A 116 5.63 -13.41 1.32
C ILE A 116 5.74 -12.59 0.06
N VAL A 117 6.23 -11.35 0.20
CA VAL A 117 6.22 -10.49 -0.98
C VAL A 117 7.22 -11.01 -2.01
N ARG A 118 8.35 -11.57 -1.55
CA ARG A 118 9.27 -12.12 -2.55
C ARG A 118 8.66 -13.28 -3.32
N HIS A 119 7.88 -14.13 -2.67
CA HIS A 119 7.20 -15.23 -3.36
C HIS A 119 6.17 -14.67 -4.33
N LEU A 120 5.34 -13.74 -3.84
CA LEU A 120 4.31 -13.21 -4.72
C LEU A 120 4.88 -12.47 -5.92
N LEU A 121 5.97 -11.72 -5.74
CA LEU A 121 6.51 -10.93 -6.82
C LEU A 121 7.57 -11.69 -7.64
N GLY A 122 7.91 -12.87 -7.18
CA GLY A 122 8.81 -13.80 -7.87
C GLY A 122 10.17 -13.19 -8.12
N SER A 123 10.63 -12.35 -7.19
CA SER A 123 11.95 -11.75 -7.26
C SER A 123 12.31 -11.12 -5.92
N ASP A 124 13.53 -10.57 -5.84
CA ASP A 124 13.87 -9.82 -4.64
CA ASP A 124 13.93 -9.79 -4.68
C ASP A 124 13.07 -8.53 -4.73
N VAL A 125 12.98 -7.83 -3.61
CA VAL A 125 12.19 -6.60 -3.53
C VAL A 125 12.98 -5.49 -2.87
N TYR A 126 12.53 -4.25 -2.95
CA TYR A 126 13.08 -3.10 -2.24
C TYR A 126 11.87 -2.27 -1.84
N VAL A 127 11.97 -1.35 -0.90
CA VAL A 127 10.89 -0.50 -0.44
C VAL A 127 10.78 0.74 -1.34
N HIS A 128 9.63 0.87 -1.99
CA HIS A 128 9.22 1.98 -2.83
C HIS A 128 8.82 3.20 -2.03
N GLN A 129 8.18 2.94 -0.90
CA GLN A 129 7.71 4.01 -0.04
C GLN A 129 7.33 3.45 1.33
N SER A 130 7.49 4.22 2.38
CA SER A 130 6.87 3.80 3.64
C SER A 130 6.28 5.02 4.33
N ARG A 131 5.29 4.79 5.22
CA ARG A 131 4.78 5.93 5.97
C ARG A 131 4.05 5.40 7.22
N ILE A 132 4.21 6.16 8.29
CA ILE A 132 3.34 6.03 9.47
C ILE A 132 2.21 7.05 9.35
N ASN A 133 0.98 6.56 9.53
CA ASN A 133 -0.19 7.40 9.55
C ASN A 133 -0.77 7.44 10.96
N TYR A 134 -0.88 8.65 11.47
CA TYR A 134 -1.56 8.94 12.73
C TYR A 134 -2.97 9.44 12.39
N LYS A 135 -3.96 8.67 12.80
CA LYS A 135 -5.35 9.03 12.55
C LYS A 135 -6.19 8.92 13.81
N PRO A 136 -6.12 9.97 14.61
CA PRO A 136 -6.86 10.01 15.86
C PRO A 136 -8.36 9.81 15.62
N GLY A 137 -9.08 9.44 16.68
CA GLY A 137 -10.53 9.45 16.64
C GLY A 137 -11.06 10.76 16.05
N PHE A 138 -12.10 10.67 15.24
CA PHE A 138 -12.75 11.75 14.55
C PHE A 138 -11.94 12.37 13.44
N LYS A 139 -10.75 11.83 13.17
CA LYS A 139 -9.88 12.45 12.19
C LYS A 139 -9.63 11.61 10.95
N GLY A 140 -9.35 12.34 9.89
CA GLY A 140 -9.00 11.73 8.61
C GLY A 140 -10.21 11.72 7.70
N LYS A 141 -10.12 12.44 6.57
CA LYS A 141 -11.30 12.49 5.72
C LYS A 141 -11.36 11.25 4.82
N GLU A 142 -12.49 11.19 4.15
CA GLU A 142 -12.75 10.22 3.09
C GLU A 142 -11.62 10.22 2.08
N PHE A 143 -11.29 9.04 1.58
CA PHE A 143 -10.36 8.92 0.44
C PHE A 143 -11.10 8.21 -0.69
N ASP A 144 -11.41 8.87 -1.77
CA ASP A 144 -12.08 8.23 -2.88
C ASP A 144 -11.28 7.04 -3.41
N TRP A 145 -12.01 6.11 -4.00
CA TRP A 145 -11.45 4.95 -4.68
C TRP A 145 -10.36 5.33 -5.65
N HIS A 146 -9.28 4.52 -5.63
CA HIS A 146 -8.18 4.72 -6.57
C HIS A 146 -7.31 3.47 -6.59
N SER A 147 -6.51 3.37 -7.62
CA SER A 147 -5.48 2.39 -7.82
C SER A 147 -4.10 3.02 -7.57
N ASP A 148 -3.37 2.47 -6.60
CA ASP A 148 -2.03 3.04 -6.36
C ASP A 148 -1.20 2.92 -7.64
N PHE A 149 -1.33 1.77 -8.33
CA PHE A 149 -0.52 1.59 -9.52
C PHE A 149 -0.74 2.71 -10.52
N GLU A 150 -1.99 3.18 -10.63
CA GLU A 150 -2.19 4.21 -11.63
C GLU A 150 -1.33 5.44 -11.34
N THR A 151 -1.25 5.81 -10.07
CA THR A 151 -0.42 6.92 -9.64
C THR A 151 1.06 6.62 -9.76
N TRP A 152 1.50 5.46 -9.30
CA TRP A 152 2.94 5.13 -9.39
C TRP A 152 3.44 5.11 -10.82
N HIS A 153 2.62 4.57 -11.72
CA HIS A 153 2.93 4.52 -13.16
C HIS A 153 3.02 5.93 -13.72
N VAL A 154 1.90 6.65 -13.67
CA VAL A 154 1.84 7.98 -14.32
C VAL A 154 2.79 8.98 -13.68
N GLU A 155 2.74 9.08 -12.35
CA GLU A 155 3.54 10.10 -11.69
C GLU A 155 4.91 9.60 -11.27
N ASP A 156 5.16 8.31 -11.09
CA ASP A 156 6.49 7.94 -10.58
C ASP A 156 7.24 7.01 -11.51
N GLY A 157 6.66 6.68 -12.66
CA GLY A 157 7.35 5.84 -13.61
C GLY A 157 7.49 4.38 -13.32
N MSE A 158 6.58 3.78 -12.52
CA MSE A 158 6.63 2.35 -12.28
C MSE A 158 6.13 1.68 -13.56
O MSE A 158 4.96 1.87 -13.91
CB MSE A 158 5.65 1.96 -11.14
CG MSE A 158 5.75 0.46 -10.85
SE MSE A 158 4.74 -0.04 -9.28
CE MSE A 158 5.85 0.84 -7.93
N PRO A 159 6.90 0.84 -14.22
CA PRO A 159 6.45 0.29 -15.50
C PRO A 159 5.32 -0.73 -15.41
N ARG A 160 5.40 -1.71 -14.53
CA ARG A 160 4.49 -2.81 -14.45
C ARG A 160 3.88 -3.04 -13.07
N MSE A 161 2.80 -3.81 -13.07
CA MSE A 161 2.09 -4.07 -11.80
C MSE A 161 2.87 -5.21 -11.17
O MSE A 161 2.50 -6.38 -11.21
CB MSE A 161 0.64 -4.53 -12.09
CG MSE A 161 -0.08 -3.51 -12.97
SE MSE A 161 -1.91 -4.04 -13.35
CE MSE A 161 -2.48 -2.37 -14.18
N ARG A 162 3.90 -4.77 -10.41
CA ARG A 162 4.76 -5.76 -9.76
C ARG A 162 5.26 -5.22 -8.42
N ALA A 163 4.33 -4.57 -7.73
CA ALA A 163 4.47 -4.10 -6.37
C ALA A 163 3.29 -4.52 -5.50
N ILE A 164 3.50 -4.54 -4.20
CA ILE A 164 2.53 -4.92 -3.18
C ILE A 164 2.60 -3.96 -2.01
N SER A 165 1.44 -3.43 -1.63
CA SER A 165 1.30 -2.60 -0.46
C SER A 165 1.04 -3.46 0.76
N VAL A 166 1.69 -3.13 1.88
CA VAL A 166 1.52 -3.88 3.13
C VAL A 166 1.08 -2.87 4.18
N SER A 167 -0.11 -3.07 4.72
CA SER A 167 -0.68 -2.19 5.72
C SER A 167 -0.78 -2.93 7.05
N ILE A 168 -0.07 -2.42 8.04
CA ILE A 168 -0.08 -2.99 9.39
C ILE A 168 -0.99 -2.14 10.26
N ALA A 169 -2.11 -2.70 10.72
CA ALA A 169 -3.00 -1.94 11.58
C ALA A 169 -2.34 -1.78 12.95
N LEU A 170 -2.27 -0.54 13.41
CA LEU A 170 -1.75 -0.31 14.76
C LEU A 170 -2.80 0.19 15.72
N SER A 171 -4.04 0.10 15.26
CA SER A 171 -5.23 0.40 16.01
CA SER A 171 -5.16 0.27 16.17
C SER A 171 -6.23 -0.72 15.71
N ASP A 172 -7.20 -0.99 16.56
CA ASP A 172 -8.20 -2.00 16.19
C ASP A 172 -8.95 -1.49 14.95
N ASN A 173 -9.18 -2.42 14.03
CA ASN A 173 -9.81 -2.18 12.74
C ASN A 173 -11.26 -2.65 12.71
N TYR A 174 -12.17 -1.70 12.82
CA TYR A 174 -13.60 -1.95 12.78
C TYR A 174 -14.22 -1.56 11.45
N SER A 175 -15.43 -2.06 11.24
CA SER A 175 -16.29 -1.74 10.12
C SER A 175 -16.67 -0.28 10.10
N PHE A 176 -16.80 0.36 11.26
CA PHE A 176 -17.43 1.67 11.32
C PHE A 176 -16.50 2.85 11.46
N ASN A 177 -15.18 2.65 11.55
CA ASN A 177 -14.39 3.87 11.76
C ASN A 177 -13.54 4.29 10.57
N GLY A 178 -14.08 4.15 9.36
CA GLY A 178 -13.34 4.43 8.16
C GLY A 178 -12.24 3.44 7.80
N PRO A 179 -12.51 2.13 7.82
CA PRO A 179 -11.47 1.16 7.48
C PRO A 179 -11.17 1.20 6.00
N LEU A 180 -10.00 0.67 5.65
CA LEU A 180 -9.67 0.47 4.24
C LEU A 180 -10.67 -0.47 3.58
N MSE A 181 -11.19 -0.09 2.41
CA MSE A 181 -12.13 -1.02 1.76
C MSE A 181 -11.45 -1.32 0.43
O MSE A 181 -10.85 -0.42 -0.15
CB MSE A 181 -13.44 -0.29 1.39
CG MSE A 181 -14.14 0.30 2.59
SE MSE A 181 -15.92 0.96 2.11
CE MSE A 181 -15.37 2.75 1.65
N LEU A 182 -11.74 -2.49 -0.11
CA LEU A 182 -11.20 -2.83 -1.42
C LEU A 182 -12.22 -3.48 -2.36
N ILE A 183 -12.09 -3.31 -3.67
CA ILE A 183 -13.01 -4.04 -4.58
C ILE A 183 -12.35 -5.34 -5.01
N PRO A 184 -12.82 -6.49 -4.55
CA PRO A 184 -12.10 -7.73 -4.83
C PRO A 184 -12.06 -7.97 -6.34
N GLY A 185 -10.97 -8.53 -6.81
CA GLY A 185 -10.76 -8.79 -8.23
C GLY A 185 -10.41 -7.63 -9.11
N SER A 186 -10.42 -6.39 -8.62
CA SER A 186 -10.25 -5.19 -9.39
C SER A 186 -8.83 -5.00 -9.92
N HIS A 187 -7.90 -5.68 -9.31
CA HIS A 187 -6.48 -5.69 -9.70
C HIS A 187 -6.31 -6.21 -11.13
N ASN A 188 -7.30 -6.99 -11.58
CA ASN A 188 -7.19 -7.54 -12.93
C ASN A 188 -7.62 -6.58 -14.02
N TYR A 189 -8.00 -5.36 -13.69
CA TYR A 189 -8.51 -4.38 -14.63
C TYR A 189 -7.84 -3.04 -14.34
N PHE A 190 -7.25 -2.48 -15.39
CA PHE A 190 -6.65 -1.18 -15.34
C PHE A 190 -7.66 -0.14 -15.81
N VAL A 191 -7.96 0.79 -14.94
CA VAL A 191 -8.87 1.87 -15.24
C VAL A 191 -8.07 3.11 -15.64
N SER A 192 -8.03 3.32 -16.95
CA SER A 192 -7.41 4.52 -17.51
C SER A 192 -8.34 5.72 -17.29
N CYS A 193 -7.95 6.61 -16.41
CA CYS A 193 -8.45 7.89 -15.99
C CYS A 193 -8.18 8.94 -17.06
N VAL A 194 -8.96 10.02 -17.00
CA VAL A 194 -8.90 11.01 -18.07
C VAL A 194 -7.91 12.13 -17.75
N GLY A 212 -6.09 10.98 -10.51
CA GLY A 212 -6.37 9.70 -11.11
C GLY A 212 -7.41 8.88 -10.37
N VAL A 213 -8.54 9.51 -10.07
CA VAL A 213 -9.66 8.89 -9.36
C VAL A 213 -10.67 8.36 -10.37
N PRO A 214 -11.00 7.09 -10.39
CA PRO A 214 -11.94 6.57 -11.42
C PRO A 214 -13.35 7.08 -11.25
N ASP A 215 -14.13 7.07 -12.34
CA ASP A 215 -15.52 7.54 -12.35
C ASP A 215 -16.50 6.50 -11.84
N GLU A 216 -17.73 6.94 -11.52
CA GLU A 216 -18.70 6.01 -10.96
C GLU A 216 -19.04 4.82 -11.84
N GLU A 217 -19.13 5.05 -13.16
CA GLU A 217 -19.43 3.95 -14.07
C GLU A 217 -18.40 2.84 -14.02
N SER A 218 -17.11 3.20 -14.06
CA SER A 218 -16.09 2.18 -13.92
C SER A 218 -16.15 1.45 -12.60
N LEU A 219 -16.37 2.23 -11.54
CA LEU A 219 -16.44 1.60 -10.21
C LEU A 219 -17.64 0.66 -10.11
N ARG A 220 -18.77 1.04 -10.73
CA ARG A 220 -19.91 0.12 -10.73
C ARG A 220 -19.60 -1.21 -11.44
N GLU A 221 -18.89 -1.03 -12.56
CA GLU A 221 -18.46 -2.21 -13.32
C GLU A 221 -17.50 -3.06 -12.51
N LEU A 222 -16.52 -2.44 -11.84
CA LEU A 222 -15.59 -3.32 -11.09
C LEU A 222 -16.27 -4.01 -9.92
N THR A 223 -17.19 -3.29 -9.27
CA THR A 223 -17.91 -3.85 -8.14
C THR A 223 -18.80 -5.02 -8.58
N ARG A 224 -19.42 -4.84 -9.74
CA ARG A 224 -20.29 -5.92 -10.25
C ARG A 224 -19.48 -7.17 -10.52
N ILE A 225 -18.35 -6.97 -11.18
CA ILE A 225 -17.48 -8.12 -11.46
C ILE A 225 -16.96 -8.77 -10.19
N GLY A 226 -16.54 -7.96 -9.22
CA GLY A 226 -16.00 -8.47 -7.97
C GLY A 226 -17.03 -9.09 -7.06
N GLY A 227 -18.32 -8.81 -7.24
CA GLY A 227 -19.34 -9.43 -6.41
C GLY A 227 -19.64 -8.70 -5.14
N GLY A 228 -18.98 -7.54 -4.94
CA GLY A 228 -19.21 -6.82 -3.70
C GLY A 228 -18.02 -5.93 -3.33
N ILE A 229 -18.00 -5.55 -2.07
CA ILE A 229 -16.93 -4.71 -1.52
C ILE A 229 -16.31 -5.43 -0.33
N SER A 230 -14.99 -5.51 -0.21
CA SER A 230 -14.38 -6.18 0.93
C SER A 230 -13.83 -5.21 1.96
N VAL A 231 -14.04 -5.51 3.25
CA VAL A 231 -13.65 -4.64 4.33
C VAL A 231 -12.98 -5.46 5.43
N PRO A 232 -11.69 -5.72 5.27
CA PRO A 232 -10.99 -6.50 6.30
C PRO A 232 -11.12 -5.78 7.64
N THR A 233 -11.36 -6.52 8.72
CA THR A 233 -11.38 -5.97 10.06
C THR A 233 -10.60 -6.89 10.98
N GLY A 234 -10.21 -6.38 12.15
CA GLY A 234 -9.39 -7.22 13.03
C GLY A 234 -8.68 -6.34 14.03
N LYS A 235 -8.08 -6.98 15.02
CA LYS A 235 -7.37 -6.29 16.08
C LYS A 235 -6.04 -5.73 15.57
N ALA A 236 -5.55 -4.75 16.32
CA ALA A 236 -4.24 -4.16 16.03
C ALA A 236 -3.25 -5.30 15.84
N GLY A 237 -2.40 -5.15 14.84
CA GLY A 237 -1.40 -6.14 14.46
C GLY A 237 -1.80 -6.91 13.23
N SER A 238 -3.10 -6.78 12.86
CA SER A 238 -3.51 -7.51 11.68
C SER A 238 -2.86 -6.85 10.46
N VAL A 239 -2.61 -7.62 9.43
CA VAL A 239 -1.92 -7.14 8.23
C VAL A 239 -2.77 -7.35 6.98
N THR A 240 -2.84 -6.31 6.17
CA THR A 240 -3.45 -6.45 4.87
C THR A 240 -2.42 -6.17 3.77
N LEU A 241 -2.22 -7.15 2.91
CA LEU A 241 -1.40 -6.99 1.74
C LEU A 241 -2.32 -6.80 0.54
N PHE A 242 -2.00 -5.82 -0.28
CA PHE A 242 -2.79 -5.65 -1.50
C PHE A 242 -1.90 -5.27 -2.69
N GLU A 243 -2.29 -5.86 -3.81
CA GLU A 243 -1.59 -5.70 -5.09
C GLU A 243 -1.65 -4.26 -5.54
N SER A 244 -0.62 -3.86 -6.28
CA SER A 244 -0.45 -2.52 -6.77
C SER A 244 -1.72 -1.92 -7.38
N ASN A 245 -2.52 -2.69 -8.09
CA ASN A 245 -3.60 -2.10 -8.89
C ASN A 245 -4.99 -2.40 -8.30
N THR A 246 -5.01 -2.97 -7.10
CA THR A 246 -6.31 -3.21 -6.41
C THR A 246 -6.97 -1.90 -6.00
N MSE A 247 -8.22 -1.68 -6.42
CA MSE A 247 -8.95 -0.43 -6.18
C MSE A 247 -9.31 -0.42 -4.70
O MSE A 247 -9.80 -1.38 -4.16
CB MSE A 247 -10.28 -0.48 -6.97
CG MSE A 247 -10.91 0.85 -7.25
SE MSE A 247 -9.80 2.05 -8.27
CE MSE A 247 -10.19 1.44 -10.07
N HIS A 248 -9.03 0.70 -4.02
CA HIS A 248 -9.32 0.83 -2.61
C HIS A 248 -9.67 2.25 -2.22
N GLY A 249 -10.32 2.39 -1.05
CA GLY A 249 -10.71 3.69 -0.57
C GLY A 249 -11.31 3.59 0.82
N SER A 250 -11.74 4.69 1.42
CA SER A 250 -12.29 4.69 2.78
C SER A 250 -13.16 5.91 3.04
N THR A 251 -14.15 5.73 3.91
CA THR A 251 -14.97 6.82 4.36
C THR A 251 -14.25 7.61 5.46
N SER A 252 -14.88 8.71 5.87
CA SER A 252 -14.33 9.43 7.02
C SER A 252 -14.55 8.66 8.30
N ASN A 253 -13.87 9.06 9.37
CA ASN A 253 -14.12 8.42 10.66
C ASN A 253 -14.81 9.43 11.58
N ILE A 254 -16.06 9.18 11.93
CA ILE A 254 -16.79 10.10 12.80
C ILE A 254 -16.92 9.48 14.18
N THR A 255 -16.07 8.51 14.49
CA THR A 255 -16.06 7.80 15.75
C THR A 255 -14.76 8.07 16.52
N PRO A 256 -14.75 7.80 17.82
CA PRO A 256 -13.55 8.03 18.61
C PRO A 256 -12.45 6.98 18.47
N TYR A 257 -12.66 5.86 17.83
CA TYR A 257 -11.74 4.80 17.55
C TYR A 257 -10.71 5.19 16.53
N PRO A 258 -9.43 5.30 16.89
CA PRO A 258 -8.43 5.72 15.90
C PRO A 258 -8.11 4.66 14.87
N ARG A 259 -7.33 5.11 13.88
CA ARG A 259 -6.92 4.24 12.78
C ARG A 259 -5.42 4.36 12.46
N ASN A 260 -4.55 4.33 13.46
CA ASN A 260 -3.12 4.41 13.17
C ASN A 260 -2.59 3.19 12.44
N ASN A 261 -1.64 3.43 11.54
CA ASN A 261 -1.12 2.32 10.73
C ASN A 261 0.30 2.63 10.26
N LEU A 262 0.97 1.55 9.90
CA LEU A 262 2.27 1.59 9.22
C LEU A 262 2.07 0.94 7.86
N PHE A 263 2.48 1.65 6.83
CA PHE A 263 2.27 1.32 5.45
C PHE A 263 3.62 1.17 4.73
N MSE A 264 3.80 0.08 4.01
CA MSE A 264 5.06 -0.05 3.25
C MSE A 264 4.59 -0.53 1.85
O MSE A 264 3.90 -1.55 1.83
CB MSE A 264 5.88 -1.21 3.81
CG MSE A 264 7.04 -0.74 4.65
SE MSE A 264 7.07 -1.11 6.52
CE MSE A 264 5.98 -2.69 6.70
N VAL A 265 5.37 -0.14 0.86
CA VAL A 265 5.22 -0.66 -0.49
C VAL A 265 6.51 -1.38 -0.93
N TYR A 266 6.38 -2.66 -1.28
CA TYR A 266 7.48 -3.49 -1.77
C TYR A 266 7.35 -3.58 -3.29
N ASN A 267 8.43 -3.16 -3.94
CA ASN A 267 8.51 -3.23 -5.40
C ASN A 267 9.55 -4.28 -5.77
N SER A 268 9.26 -5.03 -6.83
CA SER A 268 10.25 -5.95 -7.41
C SER A 268 11.48 -5.20 -7.89
N VAL A 269 12.65 -5.81 -7.64
CA VAL A 269 13.88 -5.22 -8.14
C VAL A 269 13.93 -5.23 -9.67
N LYS A 270 13.06 -5.99 -10.30
CA LYS A 270 12.94 -6.05 -11.75
C LYS A 270 11.97 -5.00 -12.31
N ASN A 271 11.41 -4.17 -11.45
CA ASN A 271 10.45 -3.14 -11.84
C ASN A 271 10.80 -1.75 -11.36
N ARG A 272 12.10 -1.41 -11.32
CA ARG A 272 12.48 -0.13 -10.76
C ARG A 272 11.88 1.00 -11.58
N LEU A 273 11.69 2.15 -10.94
CA LEU A 273 11.11 3.28 -11.59
C LEU A 273 11.97 3.82 -12.75
N VAL A 274 11.29 4.28 -13.78
CA VAL A 274 11.89 5.04 -14.88
C VAL A 274 11.32 6.44 -14.83
N GLU A 275 11.42 7.28 -15.86
CA GLU A 275 10.83 8.61 -15.69
C GLU A 275 9.30 8.51 -15.68
N PRO A 276 8.64 9.44 -15.01
CA PRO A 276 7.16 9.42 -14.92
C PRO A 276 6.52 9.26 -16.30
N PHE A 277 5.54 8.37 -16.46
CA PHE A 277 4.95 8.19 -17.79
C PHE A 277 4.13 9.39 -18.23
N SER A 278 3.73 10.27 -17.33
CA SER A 278 3.09 11.53 -17.63
C SER A 278 3.99 12.44 -18.46
N GLY A 279 5.29 12.14 -18.44
CA GLY A 279 6.33 12.99 -18.99
C GLY A 279 6.75 14.07 -18.02
N GLY A 280 6.17 14.07 -16.83
CA GLY A 280 6.41 15.09 -15.84
C GLY A 280 7.68 14.88 -15.03
N GLU A 281 7.93 15.73 -14.05
CA GLU A 281 9.12 15.66 -13.21
C GLU A 281 8.98 14.62 -12.11
N LYS A 282 10.11 14.08 -11.70
CA LYS A 282 10.22 13.14 -10.57
C LYS A 282 9.63 13.73 -9.31
N ARG A 283 8.94 12.91 -8.53
CA ARG A 283 8.50 13.33 -7.20
C ARG A 283 9.60 13.01 -6.19
N PRO A 284 9.55 13.56 -5.00
CA PRO A 284 10.66 13.34 -4.05
C PRO A 284 10.88 11.89 -3.73
N GLU A 285 12.12 11.63 -3.32
CA GLU A 285 12.55 10.32 -2.89
C GLU A 285 11.70 9.78 -1.73
N TYR A 286 11.23 10.61 -0.80
CA TYR A 286 10.40 10.11 0.31
C TYR A 286 9.02 9.65 -0.16
N ILE A 287 8.63 10.00 -1.37
CA ILE A 287 7.37 9.61 -1.97
C ILE A 287 7.56 8.37 -2.84
N ALA A 288 8.67 8.34 -3.57
CA ALA A 288 8.95 7.27 -4.53
C ALA A 288 10.46 7.03 -4.63
N VAL A 289 10.90 5.91 -4.11
CA VAL A 289 12.34 5.64 -4.00
C VAL A 289 13.00 5.38 -5.35
N ARG A 290 14.10 6.09 -5.57
CA ARG A 290 14.91 5.81 -6.75
C ARG A 290 16.33 5.38 -6.39
N GLU A 291 16.70 5.45 -5.11
CA GLU A 291 17.96 4.90 -4.66
C GLU A 291 18.01 3.42 -4.99
N LYS A 292 19.17 2.95 -5.43
CA LYS A 292 19.50 1.54 -5.51
C LYS A 292 20.34 1.18 -4.29
N GLN A 293 20.01 0.16 -3.51
CA GLN A 293 20.80 -0.20 -2.32
C GLN A 293 22.29 -0.35 -2.58
N PRO A 294 23.18 0.39 -1.92
CA PRO A 294 24.63 0.26 -2.11
C PRO A 294 25.16 -1.07 -1.61
N VAL A 295 26.11 -1.65 -2.32
CA VAL A 295 26.71 -2.94 -2.01
C VAL A 295 27.29 -3.02 -0.60
N TYR A 296 27.79 -1.89 -0.07
CA TYR A 296 28.49 -2.04 1.21
C TYR A 296 27.53 -2.52 2.30
FE FE B . -3.96 4.12 -2.00
S SO4 C . 11.23 -12.34 -13.94
O1 SO4 C . 12.54 -12.76 -14.42
O2 SO4 C . 10.30 -13.20 -14.62
O3 SO4 C . 11.03 -10.93 -14.35
O4 SO4 C . 11.18 -12.52 -12.42
S SO4 D . -7.28 9.22 19.96
O1 SO4 D . -6.27 8.83 18.99
O2 SO4 D . -8.45 9.46 19.19
O3 SO4 D . -6.84 10.46 20.65
O4 SO4 D . -7.46 8.10 20.98
S SO4 E . -24.46 -1.20 -12.13
O1 SO4 E . -24.68 -0.24 -13.21
O2 SO4 E . -23.45 -2.06 -12.67
O3 SO4 E . -25.72 -1.95 -11.89
O4 SO4 E . -24.04 -0.48 -10.85
S SO4 F . -8.97 15.63 9.20
O1 SO4 F . -9.36 16.48 8.07
O2 SO4 F . -8.15 14.61 8.59
O3 SO4 F . -10.20 15.04 9.77
O4 SO4 F . -8.22 16.48 10.23
C1 GOL G . 2.49 -14.50 10.23
O1 GOL G . 3.16 -14.30 11.48
C2 GOL G . 3.50 -14.68 9.09
O2 GOL G . 4.62 -15.49 9.48
C3 GOL G . 2.79 -15.25 7.86
O3 GOL G . 3.73 -16.11 7.16
C1 GOL H . -7.79 0.89 8.93
O1 GOL H . -8.24 -0.04 7.93
C2 GOL H . -6.30 1.20 8.75
O2 GOL H . -5.46 0.11 9.16
C3 GOL H . -6.06 1.76 7.37
O3 GOL H . -5.30 0.91 6.50
#